data_7UEK
#
_entry.id   7UEK
#
_cell.length_a   44.848
_cell.length_b   65.526
_cell.length_c   77.686
_cell.angle_alpha   90.000
_cell.angle_beta   90.000
_cell.angle_gamma   90.000
#
_symmetry.space_group_name_H-M   'P 21 21 21'
#
loop_
_entity.id
_entity.type
_entity.pdbx_description
1 polymer OT3
2 water water
#
_entity_poly.entity_id   1
_entity_poly.type   'polypeptide(L)'
_entity_poly.pdbx_seq_one_letter_code
;MHHHHHHENLYFQSDAICIYLDESATWKDMKKAMEILYKLGVKKIVVLFKYDEKLIKVAAKVLHDLGAEEAIIILIFDID
DEDEFKKQVKKALELMKKLGVDHRIIALRMTDEEKFKKLAKIAAELGADAICIYLDESATWKDMKKAMEILYKLGVKKIV
VLFKYDEKLIKVAAKVLHDLGAEEAIIILIFDIDDEDEFKKQVKKALELMKKLGVDHRIIALRMTDEEKFKKLAKIAAEL
GA
;
_entity_poly.pdbx_strand_id   A
#
# COMPACT_ATOMS: atom_id res chain seq x y z
N ASP A 15 8.70 -4.09 -10.53
CA ASP A 15 7.27 -3.77 -10.60
C ASP A 15 7.02 -2.26 -10.52
N ALA A 16 6.49 -1.84 -9.37
CA ALA A 16 5.90 -0.52 -9.17
C ALA A 16 6.49 0.10 -7.91
N ILE A 17 6.21 1.39 -7.71
CA ILE A 17 6.72 2.15 -6.58
C ILE A 17 5.56 2.86 -5.90
N CYS A 18 5.50 2.77 -4.57
CA CYS A 18 4.48 3.40 -3.75
C CYS A 18 5.09 4.55 -2.95
N ILE A 19 4.41 5.69 -2.94
CA ILE A 19 4.81 6.88 -2.21
C ILE A 19 4.05 6.83 -0.90
N TYR A 20 4.78 6.89 0.19
CA TYR A 20 4.18 6.87 1.52
C TYR A 20 4.34 8.28 2.07
N LEU A 21 3.24 8.92 2.43
CA LEU A 21 3.32 10.30 2.88
C LEU A 21 3.65 10.35 4.36
N ASP A 22 4.71 11.09 4.68
CA ASP A 22 5.36 11.16 5.98
C ASP A 22 4.54 11.86 7.06
N GLU A 23 3.24 12.06 6.83
CA GLU A 23 2.39 12.80 7.78
C GLU A 23 2.99 14.17 8.20
N SER A 24 4.27 14.40 7.88
CA SER A 24 4.91 15.69 8.04
C SER A 24 5.09 16.20 6.62
N ALA A 25 4.74 15.39 5.64
CA ALA A 25 4.77 15.81 4.24
C ALA A 25 3.44 16.48 3.88
N THR A 26 3.51 17.38 2.90
CA THR A 26 2.36 18.16 2.43
C THR A 26 1.88 17.63 1.08
N TRP A 27 0.82 18.24 0.56
CA TRP A 27 0.32 17.76 -0.72
C TRP A 27 1.20 18.22 -1.89
N LYS A 28 1.91 19.34 -1.73
CA LYS A 28 2.97 19.69 -2.68
C LYS A 28 4.13 18.67 -2.61
N ASP A 29 4.49 18.18 -1.42
CA ASP A 29 5.47 17.09 -1.36
C ASP A 29 5.00 15.88 -2.14
N MET A 30 3.71 15.52 -1.98
CA MET A 30 3.12 14.39 -2.71
C MET A 30 3.16 14.60 -4.22
N LYS A 31 2.68 15.76 -4.67
CA LYS A 31 2.71 16.07 -6.09
C LYS A 31 4.12 15.96 -6.66
N LYS A 32 5.12 16.45 -5.93
CA LYS A 32 6.47 16.41 -6.47
CA LYS A 32 6.48 16.41 -6.46
C LYS A 32 7.02 14.98 -6.51
N ALA A 33 6.65 14.16 -5.52
CA ALA A 33 7.07 12.75 -5.55
C ALA A 33 6.45 12.03 -6.74
N MET A 34 5.21 12.36 -7.08
CA MET A 34 4.57 11.73 -8.23
C MET A 34 5.25 12.13 -9.53
N GLU A 35 5.56 13.43 -9.73
CA GLU A 35 6.22 13.82 -10.97
C GLU A 35 7.60 13.20 -11.07
N ILE A 36 8.25 12.94 -9.95
CA ILE A 36 9.58 12.36 -10.02
C ILE A 36 9.50 10.94 -10.56
N LEU A 37 8.56 10.16 -10.01
CA LEU A 37 8.33 8.80 -10.50
C LEU A 37 7.90 8.81 -11.96
N TYR A 38 6.99 9.72 -12.34
CA TYR A 38 6.64 9.82 -13.74
C TYR A 38 7.87 10.01 -14.61
N LYS A 39 8.75 10.93 -14.19
CA LYS A 39 9.97 11.24 -14.94
C LYS A 39 10.89 10.03 -15.01
N LEU A 40 10.98 9.28 -13.92
CA LEU A 40 11.79 8.06 -13.93
C LEU A 40 11.18 6.94 -14.76
N GLY A 41 9.97 7.12 -15.28
CA GLY A 41 9.35 6.08 -16.08
C GLY A 41 8.77 4.99 -15.21
N VAL A 42 7.80 5.37 -14.41
CA VAL A 42 7.11 4.45 -13.55
C VAL A 42 5.65 4.52 -13.97
N LYS A 43 5.11 3.45 -14.51
CA LYS A 43 3.72 3.46 -14.96
C LYS A 43 2.78 3.32 -13.78
N LYS A 44 3.07 2.37 -12.91
CA LYS A 44 2.23 2.15 -11.75
C LYS A 44 2.66 3.03 -10.59
N ILE A 45 2.02 4.19 -10.49
CA ILE A 45 2.41 5.08 -9.30
C ILE A 45 1.42 4.88 -8.19
N VAL A 46 1.81 4.21 -7.11
CA VAL A 46 0.87 3.95 -6.05
C VAL A 46 1.06 4.97 -4.92
N VAL A 47 -0.01 5.45 -4.30
CA VAL A 47 0.11 6.41 -3.21
C VAL A 47 -0.65 5.91 -1.99
N LEU A 48 -0.08 6.17 -0.84
CA LEU A 48 -0.51 5.57 0.41
C LEU A 48 -0.59 6.68 1.44
N PHE A 49 -1.76 6.88 2.04
CA PHE A 49 -1.81 7.83 3.13
C PHE A 49 -3.04 7.56 3.99
N LYS A 50 -3.06 8.14 5.18
CA LYS A 50 -4.25 8.09 6.00
C LYS A 50 -5.33 8.96 5.37
N TYR A 51 -6.57 8.45 5.43
CA TYR A 51 -7.69 9.06 4.73
C TYR A 51 -7.71 10.57 4.96
N ASP A 52 -7.69 11.30 3.85
CA ASP A 52 -7.54 12.75 3.87
C ASP A 52 -8.18 13.26 2.58
N GLU A 53 -9.25 14.03 2.76
CA GLU A 53 -10.04 14.49 1.62
CA GLU A 53 -10.05 14.51 1.64
C GLU A 53 -9.19 15.30 0.66
N LYS A 54 -8.40 16.23 1.17
CA LYS A 54 -7.57 17.08 0.33
C LYS A 54 -6.49 16.26 -0.38
N LEU A 55 -5.91 15.29 0.33
CA LEU A 55 -4.91 14.44 -0.29
C LEU A 55 -5.52 13.60 -1.42
N ILE A 56 -6.76 13.12 -1.24
CA ILE A 56 -7.40 12.35 -2.31
C ILE A 56 -7.60 13.20 -3.56
N LYS A 57 -8.12 14.42 -3.38
CA LYS A 57 -8.35 15.31 -4.52
C LYS A 57 -7.05 15.65 -5.26
N VAL A 58 -5.96 15.90 -4.53
CA VAL A 58 -4.72 16.25 -5.21
C VAL A 58 -4.16 15.03 -5.95
N ALA A 59 -4.14 13.85 -5.31
CA ALA A 59 -3.64 12.67 -6.00
C ALA A 59 -4.41 12.43 -7.30
N ALA A 60 -5.73 12.59 -7.27
CA ALA A 60 -6.53 12.30 -8.45
C ALA A 60 -6.21 13.27 -9.61
N LYS A 61 -6.11 14.57 -9.32
CA LYS A 61 -5.76 15.54 -10.37
C LYS A 61 -4.35 15.32 -10.92
N VAL A 62 -3.38 15.07 -10.05
CA VAL A 62 -2.02 14.88 -10.56
C VAL A 62 -1.98 13.66 -11.46
N LEU A 63 -2.56 12.55 -11.00
CA LEU A 63 -2.58 11.33 -11.80
C LEU A 63 -3.30 11.53 -13.12
N HIS A 64 -4.34 12.37 -13.15
CA HIS A 64 -5.02 12.66 -14.41
C HIS A 64 -4.11 13.47 -15.32
N ASP A 65 -3.50 14.53 -14.75
CA ASP A 65 -2.52 15.33 -15.48
C ASP A 65 -1.43 14.46 -16.07
N LEU A 66 -0.86 13.56 -15.25
CA LEU A 66 0.18 12.72 -15.81
C LEU A 66 -0.40 11.67 -16.75
N GLY A 67 -1.69 11.39 -16.65
CA GLY A 67 -2.31 10.40 -17.50
C GLY A 67 -1.90 8.97 -17.21
N ALA A 68 -1.60 8.64 -15.96
CA ALA A 68 -1.26 7.26 -15.62
C ALA A 68 -2.48 6.63 -14.96
N GLU A 69 -3.47 6.25 -15.78
CA GLU A 69 -4.66 5.64 -15.20
C GLU A 69 -4.36 4.25 -14.62
N GLU A 70 -3.12 3.77 -14.78
CA GLU A 70 -2.63 2.56 -14.12
C GLU A 70 -2.03 2.84 -12.73
N ALA A 71 -2.52 3.87 -12.05
CA ALA A 71 -2.09 4.19 -10.70
C ALA A 71 -3.12 3.68 -9.69
N ILE A 72 -2.78 3.81 -8.41
CA ILE A 72 -3.56 3.26 -7.31
C ILE A 72 -3.49 4.20 -6.11
N ILE A 73 -4.63 4.43 -5.45
CA ILE A 73 -4.67 5.14 -4.18
C ILE A 73 -5.00 4.12 -3.09
N ILE A 74 -4.17 4.09 -2.05
CA ILE A 74 -4.35 3.23 -0.90
C ILE A 74 -4.61 4.12 0.30
N LEU A 75 -5.77 3.95 0.90
CA LEU A 75 -6.21 4.77 2.02
C LEU A 75 -6.14 3.97 3.29
N ILE A 76 -5.45 4.51 4.27
CA ILE A 76 -5.29 3.89 5.56
C ILE A 76 -6.39 4.38 6.46
N PHE A 77 -7.10 3.45 7.08
CA PHE A 77 -8.13 3.79 8.04
C PHE A 77 -7.75 3.25 9.40
N ASP A 78 -7.97 4.05 10.43
CA ASP A 78 -7.68 3.67 11.80
C ASP A 78 -8.83 4.25 12.61
N ILE A 79 -9.96 3.54 12.61
CA ILE A 79 -11.17 4.01 13.29
C ILE A 79 -11.62 2.92 14.25
N ASP A 80 -11.67 3.25 15.54
CA ASP A 80 -12.30 2.40 16.53
C ASP A 80 -13.76 2.15 16.17
N ASP A 81 -14.53 3.25 16.12
CA ASP A 81 -15.98 3.21 15.89
C ASP A 81 -16.31 2.46 14.59
N GLU A 82 -17.35 1.62 14.65
CA GLU A 82 -17.74 0.82 13.51
C GLU A 82 -18.67 1.56 12.55
N ASP A 83 -19.56 2.42 13.05
CA ASP A 83 -20.37 3.24 12.16
C ASP A 83 -19.63 4.50 11.72
N GLU A 84 -18.70 5.03 12.52
CA GLU A 84 -17.81 6.04 11.98
C GLU A 84 -16.91 5.48 10.88
N PHE A 85 -16.51 4.21 10.99
CA PHE A 85 -15.73 3.57 9.94
C PHE A 85 -16.52 3.52 8.63
N LYS A 86 -17.72 2.93 8.68
CA LYS A 86 -18.61 2.91 7.52
C LYS A 86 -18.83 4.31 6.99
N LYS A 87 -19.18 5.24 7.88
CA LYS A 87 -19.32 6.64 7.50
C LYS A 87 -18.13 7.13 6.67
N GLN A 88 -16.91 6.94 7.18
CA GLN A 88 -15.75 7.52 6.52
C GLN A 88 -15.38 6.76 5.26
N VAL A 89 -15.50 5.43 5.30
CA VAL A 89 -15.13 4.64 4.13
C VAL A 89 -16.10 4.93 2.98
N LYS A 90 -17.39 5.11 3.30
CA LYS A 90 -18.35 5.48 2.28
C LYS A 90 -18.00 6.84 1.66
N LYS A 91 -17.79 7.87 2.51
CA LYS A 91 -17.40 9.18 1.99
C LYS A 91 -16.11 9.09 1.16
N ALA A 92 -15.12 8.32 1.62
CA ALA A 92 -13.89 8.23 0.85
C ALA A 92 -14.15 7.62 -0.52
N LEU A 93 -14.87 6.48 -0.57
CA LEU A 93 -15.03 5.77 -1.83
C LEU A 93 -15.87 6.56 -2.82
N GLU A 94 -16.87 7.32 -2.33
CA GLU A 94 -17.68 8.10 -3.25
C GLU A 94 -16.92 9.28 -3.80
N LEU A 95 -16.01 9.87 -3.01
CA LEU A 95 -15.20 10.96 -3.55
C LEU A 95 -14.31 10.41 -4.65
N MET A 96 -13.61 9.31 -4.33
CA MET A 96 -12.74 8.68 -5.33
C MET A 96 -13.51 8.25 -6.55
N LYS A 97 -14.78 7.87 -6.39
CA LYS A 97 -15.63 7.58 -7.54
C LYS A 97 -15.92 8.83 -8.37
N LYS A 98 -16.24 9.96 -7.72
CA LYS A 98 -16.41 11.23 -8.46
C LYS A 98 -15.18 11.53 -9.29
N LEU A 99 -13.99 11.24 -8.75
CA LEU A 99 -12.75 11.66 -9.37
C LEU A 99 -12.22 10.68 -10.40
N GLY A 100 -12.96 9.61 -10.69
CA GLY A 100 -12.51 8.63 -11.65
C GLY A 100 -11.28 7.85 -11.24
N VAL A 101 -11.08 7.65 -9.93
CA VAL A 101 -9.98 6.83 -9.43
C VAL A 101 -10.35 5.37 -9.67
N ASP A 102 -9.73 4.72 -10.66
CA ASP A 102 -10.06 3.37 -11.03
C ASP A 102 -9.64 2.29 -10.04
N HIS A 103 -8.54 2.51 -9.32
CA HIS A 103 -8.07 1.52 -8.36
C HIS A 103 -7.94 2.11 -6.96
N ARG A 104 -8.92 1.80 -6.12
CA ARG A 104 -9.01 2.30 -4.77
C ARG A 104 -8.88 1.15 -3.77
N ILE A 105 -7.99 1.25 -2.80
CA ILE A 105 -7.84 0.17 -1.84
C ILE A 105 -7.96 0.73 -0.43
N ILE A 106 -8.66 0.01 0.43
CA ILE A 106 -8.88 0.38 1.83
C ILE A 106 -7.93 -0.45 2.70
N ALA A 107 -7.01 0.19 3.43
CA ALA A 107 -6.07 -0.51 4.31
C ALA A 107 -6.59 -0.56 5.74
N LEU A 108 -6.49 -1.74 6.34
CA LEU A 108 -7.00 -2.02 7.68
C LEU A 108 -5.85 -2.57 8.52
N ARG A 109 -5.68 -2.07 9.74
CA ARG A 109 -4.68 -2.68 10.60
C ARG A 109 -5.39 -3.80 11.35
N MET A 110 -4.63 -4.86 11.68
CA MET A 110 -5.11 -6.15 12.27
C MET A 110 -5.83 -6.18 13.63
N THR A 111 -5.21 -5.86 14.78
CA THR A 111 -5.73 -5.76 16.15
C THR A 111 -6.72 -6.90 16.44
N ASP A 112 -7.90 -6.56 16.97
CA ASP A 112 -8.89 -7.59 17.29
C ASP A 112 -9.30 -8.45 16.09
N GLU A 113 -9.32 -9.76 16.29
CA GLU A 113 -9.71 -10.67 15.22
C GLU A 113 -11.14 -10.40 14.75
N GLU A 114 -12.09 -10.31 15.70
CA GLU A 114 -13.47 -10.02 15.32
CA GLU A 114 -13.47 -10.01 15.33
C GLU A 114 -13.59 -8.61 14.74
N LYS A 115 -12.89 -7.64 15.33
CA LYS A 115 -12.93 -6.28 14.78
C LYS A 115 -12.49 -6.27 13.33
N PHE A 116 -11.41 -6.99 13.03
CA PHE A 116 -10.90 -7.03 11.66
C PHE A 116 -11.93 -7.58 10.68
N LYS A 117 -12.66 -8.64 11.08
CA LYS A 117 -13.59 -9.29 10.17
C LYS A 117 -14.80 -8.40 9.85
N LYS A 118 -15.43 -7.82 10.88
CA LYS A 118 -16.54 -6.92 10.63
C LYS A 118 -16.13 -5.72 9.78
N LEU A 119 -14.92 -5.19 10.00
CA LEU A 119 -14.49 -3.99 9.28
C LEU A 119 -14.19 -4.30 7.83
N ALA A 120 -13.52 -5.44 7.57
CA ALA A 120 -13.26 -5.83 6.19
C ALA A 120 -14.56 -6.09 5.45
N LYS A 121 -15.49 -6.79 6.10
CA LYS A 121 -16.83 -7.01 5.55
C LYS A 121 -17.48 -5.70 5.17
N ILE A 122 -17.44 -4.71 6.07
CA ILE A 122 -18.05 -3.42 5.78
C ILE A 122 -17.38 -2.76 4.57
N ALA A 123 -16.06 -2.79 4.52
CA ALA A 123 -15.38 -2.17 3.37
C ALA A 123 -15.70 -2.92 2.08
N ALA A 124 -15.77 -4.24 2.16
CA ALA A 124 -16.12 -5.03 0.97
C ALA A 124 -17.53 -4.70 0.50
N GLU A 125 -18.46 -4.59 1.44
CA GLU A 125 -19.84 -4.25 1.11
C GLU A 125 -19.93 -2.91 0.40
N LEU A 126 -19.25 -1.89 0.94
CA LEU A 126 -19.37 -0.54 0.42
C LEU A 126 -18.75 -0.38 -0.96
N GLY A 127 -17.98 -1.36 -1.42
CA GLY A 127 -17.42 -1.33 -2.74
C GLY A 127 -15.93 -1.16 -2.82
N ALA A 128 -15.20 -1.46 -1.75
CA ALA A 128 -13.74 -1.36 -1.79
C ALA A 128 -13.19 -2.34 -2.82
N ASP A 129 -12.30 -1.87 -3.71
CA ASP A 129 -11.78 -2.71 -4.78
C ASP A 129 -10.88 -3.81 -4.27
N ALA A 130 -9.97 -3.47 -3.37
CA ALA A 130 -9.18 -4.52 -2.75
C ALA A 130 -9.07 -4.21 -1.26
N ILE A 131 -8.60 -5.15 -0.47
CA ILE A 131 -8.46 -4.88 0.95
C ILE A 131 -6.99 -5.02 1.31
N CYS A 132 -6.44 -4.09 2.09
CA CYS A 132 -5.05 -4.18 2.43
C CYS A 132 -4.78 -4.45 3.88
N ILE A 133 -3.90 -5.41 4.18
CA ILE A 133 -3.57 -5.70 5.53
C ILE A 133 -2.35 -4.83 5.86
N TYR A 134 -2.51 -3.90 6.78
CA TYR A 134 -1.46 -3.03 7.24
C TYR A 134 -1.09 -3.51 8.63
N LEU A 135 0.10 -4.05 8.75
CA LEU A 135 0.54 -4.52 10.05
C LEU A 135 1.43 -3.49 10.67
N ASP A 136 1.11 -3.07 11.89
CA ASP A 136 1.95 -2.11 12.58
C ASP A 136 3.06 -2.86 13.30
N GLU A 137 3.96 -2.15 13.93
CA GLU A 137 5.09 -2.86 14.53
C GLU A 137 4.67 -3.73 15.70
N SER A 138 3.49 -3.53 16.27
CA SER A 138 2.97 -4.43 17.30
C SER A 138 2.47 -5.76 16.72
N ALA A 139 2.54 -5.93 15.40
CA ALA A 139 1.97 -7.10 14.75
C ALA A 139 3.01 -8.20 14.69
N THR A 140 2.58 -9.45 14.91
CA THR A 140 3.43 -10.61 14.68
C THR A 140 3.09 -11.26 13.35
N TRP A 141 3.97 -12.17 12.92
CA TRP A 141 3.68 -12.96 11.73
C TRP A 141 2.43 -13.80 11.92
N LYS A 142 2.13 -14.18 13.17
CA LYS A 142 0.91 -14.95 13.41
C LYS A 142 -0.31 -14.07 13.19
N ASP A 143 -0.25 -12.80 13.59
CA ASP A 143 -1.35 -11.88 13.27
C ASP A 143 -1.54 -11.76 11.76
N MET A 144 -0.44 -11.66 11.01
CA MET A 144 -0.57 -11.51 9.55
C MET A 144 -1.28 -12.70 8.93
N LYS A 145 -0.83 -13.90 9.27
CA LYS A 145 -1.45 -15.10 8.75
C LYS A 145 -2.93 -15.10 9.05
N LYS A 146 -3.31 -14.80 10.29
CA LYS A 146 -4.72 -14.84 10.60
C LYS A 146 -5.49 -13.83 9.77
N ALA A 147 -4.94 -12.63 9.60
CA ALA A 147 -5.65 -11.62 8.81
C ALA A 147 -5.86 -12.08 7.38
N MET A 148 -4.83 -12.69 6.78
CA MET A 148 -4.92 -13.16 5.40
C MET A 148 -5.96 -14.27 5.26
N GLU A 149 -5.99 -15.20 6.21
CA GLU A 149 -6.97 -16.28 6.17
C GLU A 149 -8.40 -15.72 6.29
N ILE A 150 -8.58 -14.65 7.08
CA ILE A 150 -9.90 -14.07 7.22
C ILE A 150 -10.32 -13.41 5.92
N LEU A 151 -9.39 -12.72 5.25
CA LEU A 151 -9.78 -12.07 4.00
C LEU A 151 -10.09 -13.13 2.93
N TYR A 152 -9.29 -14.20 2.87
CA TYR A 152 -9.59 -15.26 1.89
C TYR A 152 -10.96 -15.86 2.15
N LYS A 153 -11.28 -16.15 3.41
CA LYS A 153 -12.56 -16.74 3.81
C LYS A 153 -13.74 -15.88 3.34
N LEU A 154 -13.63 -14.59 3.59
CA LEU A 154 -14.61 -13.62 3.11
C LEU A 154 -14.68 -13.55 1.60
N GLY A 155 -13.74 -14.16 0.89
CA GLY A 155 -13.79 -14.19 -0.55
C GLY A 155 -13.35 -12.92 -1.21
N VAL A 156 -12.47 -12.15 -0.59
CA VAL A 156 -12.11 -10.90 -1.23
C VAL A 156 -11.18 -11.20 -2.40
N LYS A 157 -11.36 -10.48 -3.50
CA LYS A 157 -10.58 -10.71 -4.72
C LYS A 157 -9.07 -10.56 -4.54
N LYS A 158 -8.60 -9.34 -4.31
CA LYS A 158 -7.18 -9.10 -4.21
C LYS A 158 -6.77 -8.84 -2.77
N ILE A 159 -5.98 -9.71 -2.18
CA ILE A 159 -5.49 -9.45 -0.84
C ILE A 159 -4.20 -8.67 -0.99
N VAL A 160 -4.03 -7.61 -0.19
CA VAL A 160 -2.79 -6.86 -0.23
C VAL A 160 -2.20 -6.82 1.18
N VAL A 161 -0.89 -6.98 1.30
CA VAL A 161 -0.24 -6.92 2.61
C VAL A 161 0.86 -5.87 2.58
N LEU A 162 0.91 -5.07 3.64
CA LEU A 162 1.78 -3.90 3.71
C LEU A 162 2.51 -3.93 5.04
N PHE A 163 3.84 -3.99 5.00
CA PHE A 163 4.56 -3.98 6.26
C PHE A 163 5.97 -3.43 6.06
N LYS A 164 6.57 -3.05 7.18
CA LYS A 164 7.98 -2.66 7.21
C LYS A 164 8.87 -3.86 6.90
N TYR A 165 9.86 -3.65 6.03
CA TYR A 165 10.73 -4.70 5.52
C TYR A 165 11.15 -5.66 6.62
N ASP A 166 10.96 -6.96 6.37
CA ASP A 166 11.28 -7.99 7.36
C ASP A 166 11.33 -9.32 6.63
N GLU A 167 12.46 -10.01 6.77
CA GLU A 167 12.68 -11.24 6.01
C GLU A 167 11.70 -12.33 6.43
N LYS A 168 11.42 -12.47 7.73
CA LYS A 168 10.46 -13.47 8.20
C LYS A 168 9.08 -13.19 7.65
N LEU A 169 8.65 -11.95 7.78
CA LEU A 169 7.32 -11.60 7.30
C LEU A 169 7.20 -11.86 5.81
N ILE A 170 8.29 -11.67 5.05
CA ILE A 170 8.22 -11.93 3.62
C ILE A 170 8.01 -13.41 3.36
N LYS A 171 8.80 -14.27 4.02
CA LYS A 171 8.69 -15.70 3.79
C LYS A 171 7.35 -16.22 4.27
N VAL A 172 6.86 -15.70 5.41
CA VAL A 172 5.57 -16.15 5.88
C VAL A 172 4.48 -15.72 4.90
N ALA A 173 4.49 -14.45 4.48
CA ALA A 173 3.47 -13.97 3.57
C ALA A 173 3.45 -14.79 2.29
N ALA A 174 4.63 -15.07 1.73
CA ALA A 174 4.72 -15.86 0.50
C ALA A 174 4.17 -17.27 0.69
N LYS A 175 4.43 -17.89 1.84
CA LYS A 175 3.93 -19.25 2.05
C LYS A 175 2.40 -19.27 2.23
N VAL A 176 1.84 -18.28 2.93
CA VAL A 176 0.40 -18.27 3.18
C VAL A 176 -0.35 -18.04 1.88
N LEU A 177 0.15 -17.13 1.04
CA LEU A 177 -0.46 -16.87 -0.27
C LEU A 177 -0.42 -18.13 -1.13
N HIS A 178 0.72 -18.80 -1.14
CA HIS A 178 0.81 -20.03 -1.88
C HIS A 178 -0.13 -21.06 -1.27
N ASP A 179 -0.28 -21.08 0.04
CA ASP A 179 -1.17 -22.07 0.64
C ASP A 179 -2.62 -21.79 0.30
N LEU A 180 -3.03 -20.52 0.30
CA LEU A 180 -4.38 -20.14 -0.09
C LEU A 180 -4.60 -20.15 -1.59
N GLY A 181 -3.53 -20.21 -2.39
CA GLY A 181 -3.66 -20.06 -3.81
C GLY A 181 -3.92 -18.65 -4.29
N ALA A 182 -3.61 -17.63 -3.47
CA ALA A 182 -3.97 -16.24 -3.78
C ALA A 182 -3.04 -15.64 -4.83
N GLU A 183 -3.41 -15.85 -6.10
CA GLU A 183 -2.56 -15.47 -7.23
C GLU A 183 -2.54 -13.97 -7.48
N GLU A 184 -3.62 -13.27 -7.15
CA GLU A 184 -3.73 -11.83 -7.38
C GLU A 184 -3.14 -11.00 -6.25
N ALA A 185 -2.61 -11.62 -5.20
CA ALA A 185 -2.23 -10.86 -4.02
C ALA A 185 -0.97 -10.03 -4.29
N ILE A 186 -0.75 -9.01 -3.45
CA ILE A 186 0.35 -8.07 -3.59
C ILE A 186 1.01 -7.87 -2.23
N ILE A 187 2.34 -7.84 -2.22
CA ILE A 187 3.12 -7.46 -1.05
C ILE A 187 3.69 -6.05 -1.28
N ILE A 188 3.58 -5.19 -0.26
CA ILE A 188 4.12 -3.84 -0.32
C ILE A 188 5.03 -3.66 0.87
N LEU A 189 6.29 -3.32 0.62
CA LEU A 189 7.28 -3.22 1.70
C LEU A 189 7.71 -1.76 1.92
N ILE A 190 7.70 -1.34 3.18
CA ILE A 190 8.14 -0.01 3.57
C ILE A 190 9.55 -0.10 4.11
N PHE A 191 10.40 0.84 3.72
CA PHE A 191 11.79 0.81 4.18
C PHE A 191 12.14 2.07 4.98
N ASP A 192 13.04 1.91 5.94
CA ASP A 192 13.69 3.07 6.53
C ASP A 192 14.59 3.72 5.49
N ILE A 193 14.71 5.05 5.55
CA ILE A 193 15.37 5.78 4.47
C ILE A 193 16.60 6.57 4.93
N ASP A 194 16.80 6.79 6.23
CA ASP A 194 17.85 7.71 6.65
C ASP A 194 19.23 7.21 6.25
N ASP A 195 19.45 5.91 6.39
CA ASP A 195 20.72 5.29 6.04
C ASP A 195 20.62 4.75 4.62
N GLU A 196 21.06 5.54 3.66
CA GLU A 196 20.98 5.17 2.26
C GLU A 196 21.70 3.89 1.86
N ASP A 197 22.80 3.56 2.53
CA ASP A 197 23.54 2.36 2.23
C ASP A 197 22.72 1.13 2.62
N GLU A 198 22.19 1.15 3.83
CA GLU A 198 21.35 0.05 4.31
C GLU A 198 20.09 -0.06 3.49
N PHE A 199 19.59 1.07 3.01
CA PHE A 199 18.40 1.08 2.19
C PHE A 199 18.68 0.31 0.93
N LYS A 200 19.82 0.57 0.32
CA LYS A 200 20.18 -0.12 -0.90
C LYS A 200 20.31 -1.62 -0.68
N LYS A 201 20.92 -1.98 0.44
CA LYS A 201 21.14 -3.38 0.77
C LYS A 201 19.82 -4.09 1.03
N GLN A 202 18.98 -3.51 1.86
CA GLN A 202 17.69 -4.10 2.19
C GLN A 202 16.80 -4.23 0.96
N VAL A 203 16.68 -3.15 0.15
CA VAL A 203 15.87 -3.25 -1.07
C VAL A 203 16.41 -4.34 -1.99
N LYS A 204 17.73 -4.41 -2.17
CA LYS A 204 18.32 -5.43 -3.03
C LYS A 204 17.93 -6.83 -2.54
N LYS A 205 18.09 -7.05 -1.24
CA LYS A 205 17.77 -8.33 -0.64
C LYS A 205 16.29 -8.65 -0.76
N ALA A 206 15.44 -7.68 -0.46
CA ALA A 206 14.00 -7.92 -0.53
C ALA A 206 13.58 -8.41 -1.90
N LEU A 207 14.07 -7.76 -2.96
CA LEU A 207 13.62 -8.11 -4.30
C LEU A 207 14.09 -9.51 -4.68
N GLU A 208 15.36 -9.81 -4.40
CA GLU A 208 15.90 -11.15 -4.67
C GLU A 208 15.09 -12.22 -3.97
N LEU A 209 14.77 -11.99 -2.70
CA LEU A 209 14.10 -13.02 -1.93
C LEU A 209 12.66 -13.19 -2.41
N MET A 210 11.99 -12.09 -2.74
CA MET A 210 10.62 -12.21 -3.24
C MET A 210 10.56 -12.90 -4.59
N LYS A 211 11.60 -12.72 -5.42
CA LYS A 211 11.64 -13.43 -6.70
C LYS A 211 11.92 -14.92 -6.52
N LYS A 212 12.74 -15.30 -5.53
CA LYS A 212 12.96 -16.71 -5.22
C LYS A 212 11.67 -17.41 -4.79
N LEU A 213 10.79 -16.68 -4.10
CA LEU A 213 9.55 -17.24 -3.55
C LEU A 213 8.36 -17.07 -4.48
N GLY A 214 8.58 -16.55 -5.69
CA GLY A 214 7.51 -16.45 -6.66
C GLY A 214 6.44 -15.44 -6.33
N VAL A 215 6.76 -14.44 -5.51
CA VAL A 215 5.85 -13.31 -5.34
C VAL A 215 5.92 -12.50 -6.63
N ASP A 216 4.86 -12.58 -7.43
CA ASP A 216 4.91 -11.87 -8.71
CA ASP A 216 4.80 -11.91 -8.73
C ASP A 216 4.38 -10.44 -8.62
N HIS A 217 3.84 -10.02 -7.50
CA HIS A 217 3.26 -8.67 -7.39
C HIS A 217 3.78 -8.08 -6.09
N ARG A 218 4.89 -7.34 -6.21
CA ARG A 218 5.59 -6.75 -5.09
C ARG A 218 5.88 -5.27 -5.32
N ILE A 219 5.62 -4.43 -4.35
CA ILE A 219 5.76 -2.98 -4.47
C ILE A 219 6.74 -2.48 -3.41
N ILE A 220 7.69 -1.64 -3.83
CA ILE A 220 8.60 -1.00 -2.89
C ILE A 220 8.02 0.38 -2.52
N ALA A 221 7.85 0.64 -1.22
CA ALA A 221 7.24 1.88 -0.73
C ALA A 221 8.30 2.80 -0.15
N LEU A 222 8.26 4.07 -0.56
CA LEU A 222 9.28 5.07 -0.22
C LEU A 222 8.63 6.23 0.53
N ARG A 223 9.16 6.54 1.70
CA ARG A 223 8.63 7.66 2.46
C ARG A 223 9.03 8.97 1.79
N MET A 224 8.04 9.82 1.52
CA MET A 224 8.32 11.13 0.91
C MET A 224 8.73 12.11 2.00
N THR A 225 9.95 12.65 1.88
CA THR A 225 10.48 13.60 2.84
C THR A 225 10.89 14.86 2.09
N ASP A 226 12.08 14.80 1.50
CA ASP A 226 12.71 15.89 0.75
C ASP A 226 12.85 15.47 -0.71
N GLU A 227 12.59 16.40 -1.64
CA GLU A 227 12.61 16.04 -3.06
C GLU A 227 13.94 15.43 -3.46
N GLU A 228 15.04 16.01 -2.98
CA GLU A 228 16.38 15.51 -3.29
C GLU A 228 16.58 14.09 -2.76
N LYS A 229 16.12 13.84 -1.52
CA LYS A 229 16.23 12.52 -0.94
C LYS A 229 15.36 11.52 -1.70
N PHE A 230 14.10 11.89 -1.95
CA PHE A 230 13.19 10.98 -2.63
C PHE A 230 13.72 10.55 -4.00
N LYS A 231 14.30 11.49 -4.75
CA LYS A 231 14.80 11.16 -6.07
C LYS A 231 15.95 10.14 -5.98
N LYS A 232 16.87 10.32 -5.03
CA LYS A 232 17.91 9.31 -4.79
C LYS A 232 17.30 7.92 -4.57
N LEU A 233 16.38 7.80 -3.60
CA LEU A 233 15.81 6.50 -3.22
C LEU A 233 15.10 5.83 -4.38
N ALA A 234 14.34 6.61 -5.16
CA ALA A 234 13.54 6.08 -6.25
C ALA A 234 14.43 5.55 -7.37
N LYS A 235 15.47 6.32 -7.72
CA LYS A 235 16.54 5.86 -8.61
C LYS A 235 17.10 4.53 -8.13
N ILE A 236 17.55 4.48 -6.87
CA ILE A 236 18.10 3.25 -6.31
C ILE A 236 17.09 2.11 -6.49
N ALA A 237 15.84 2.34 -6.12
CA ALA A 237 14.85 1.26 -6.19
C ALA A 237 14.64 0.82 -7.63
N ALA A 238 14.59 1.78 -8.56
CA ALA A 238 14.31 1.46 -9.95
C ALA A 238 15.45 0.66 -10.57
N GLU A 239 16.69 1.07 -10.32
CA GLU A 239 17.85 0.37 -10.88
C GLU A 239 17.97 -1.05 -10.32
N LEU A 240 17.47 -1.28 -9.11
CA LEU A 240 17.52 -2.60 -8.51
C LEU A 240 16.41 -3.53 -9.01
N GLY A 241 15.40 -2.99 -9.67
CA GLY A 241 14.33 -3.83 -10.19
C GLY A 241 12.91 -3.63 -9.70
N ALA A 242 12.67 -2.67 -8.82
CA ALA A 242 11.31 -2.41 -8.37
C ALA A 242 10.45 -1.88 -9.51
#